data_6IEY
#
_entry.id   6IEY
#
_cell.length_a   118.463
_cell.length_b   152.411
_cell.length_c   44.137
_cell.angle_alpha   90.00
_cell.angle_beta   90.00
_cell.angle_gamma   90.00
#
_symmetry.space_group_name_H-M   'P 21 21 2'
#
loop_
_entity.id
_entity.type
_entity.pdbx_description
1 polymer Esterase
2 non-polymer CHLORAMPHENICOL
3 water water
#
_entity_poly.entity_id   1
_entity_poly.type   'polypeptide(L)'
_entity_poly.pdbx_seq_one_letter_code
;MPLNPHVEALLQMMAQMPAPDFSVANPAEIRAVFDNLAAPPQVARVENIAISLDGRDLDARLYVPEDADERPALMVYYHG
GGWVIGTLDTHDGTCRALAQKSGCAVLSIAYRLAPEYRYPAPAEDCYDALVWAKQNAATLGVDGDRLAVGGDAAGGNLAA
AVAIMARDRNGPALRHQLLIYPVTDNDFTLASYAENGGGEYYLSTDGMRWFWGHYLGDTAAENAPLAAVLNVADLSGLAP
ATVITAEYDPLRDEGIAYAKKLDAAGVPVDAATAPGMIHGFFSMFEAVPDSWEWIERGASNLKRDLALEHHHHHHHH
;
_entity_poly.pdbx_strand_id   B,A
#
# COMPACT_ATOMS: atom_id res chain seq x y z
N MET A 1 -10.37 28.94 5.33
CA MET A 1 -9.31 28.07 5.83
C MET A 1 -8.25 27.82 4.76
N PRO A 2 -7.00 28.25 5.01
CA PRO A 2 -5.92 28.07 4.02
C PRO A 2 -5.63 26.59 3.74
N LEU A 3 -4.87 26.33 2.69
CA LEU A 3 -4.51 24.99 2.28
C LEU A 3 -3.84 24.26 3.43
N ASN A 4 -4.24 23.02 3.67
CA ASN A 4 -3.58 22.20 4.67
C ASN A 4 -2.08 22.14 4.37
N PRO A 5 -1.25 22.55 5.34
CA PRO A 5 0.22 22.56 5.24
C PRO A 5 0.80 21.26 4.67
N HIS A 6 0.25 20.13 5.10
CA HIS A 6 0.72 18.85 4.62
C HIS A 6 0.32 18.62 3.18
N VAL A 7 -0.87 19.09 2.82
CA VAL A 7 -1.32 19.03 1.44
C VAL A 7 -0.41 19.90 0.59
N GLU A 8 -0.01 21.03 1.14
CA GLU A 8 0.92 21.90 0.44
C GLU A 8 2.26 21.22 0.23
N ALA A 9 2.78 20.58 1.27
CA ALA A 9 4.06 19.88 1.14
C ALA A 9 3.96 18.69 0.17
N LEU A 10 2.79 18.07 0.12
CA LEU A 10 2.58 16.98 -0.82
C LEU A 10 2.58 17.52 -2.24
N LEU A 11 1.85 18.61 -2.46
CA LEU A 11 1.78 19.22 -3.79
C LEU A 11 3.16 19.69 -4.28
N GLN A 12 3.94 20.30 -3.40
CA GLN A 12 5.31 20.65 -3.71
C GLN A 12 6.14 19.43 -4.11
N MET A 13 5.97 18.34 -3.37
CA MET A 13 6.75 17.14 -3.62
C MET A 13 6.35 16.46 -4.94
N MET A 14 5.06 16.43 -5.24
CA MET A 14 4.60 15.89 -6.52
C MET A 14 5.17 16.70 -7.68
N ALA A 15 5.36 18.00 -7.45
CA ALA A 15 5.78 18.92 -8.51
C ALA A 15 7.27 18.79 -8.82
N GLN A 16 8.04 18.26 -7.88
CA GLN A 16 9.47 18.07 -8.09
C GLN A 16 9.76 16.66 -8.56
N MET A 17 8.74 16.01 -9.12
CA MET A 17 8.88 14.65 -9.59
C MET A 17 9.20 14.62 -11.08
N PRO A 18 9.97 13.61 -11.52
CA PRO A 18 10.29 13.39 -12.94
C PRO A 18 9.06 13.43 -13.83
N ALA A 19 8.99 14.42 -14.73
CA ALA A 19 7.90 14.50 -15.69
C ALA A 19 7.88 13.26 -16.57
N PRO A 20 6.67 12.77 -16.90
CA PRO A 20 6.51 11.68 -17.88
C PRO A 20 5.97 12.24 -19.19
N ASP A 21 6.60 13.28 -19.71
CA ASP A 21 6.00 14.14 -20.73
C ASP A 21 5.51 13.42 -22.00
N PHE A 22 4.48 12.58 -21.82
CA PHE A 22 3.67 12.09 -22.92
C PHE A 22 3.19 13.31 -23.73
N SER A 23 3.25 13.22 -25.04
CA SER A 23 2.98 14.39 -25.88
C SER A 23 1.49 14.74 -25.94
N VAL A 24 0.64 13.77 -25.58
CA VAL A 24 -0.79 14.04 -25.59
C VAL A 24 -1.55 13.26 -24.50
N ALA A 25 -2.64 13.86 -24.06
CA ALA A 25 -3.52 13.33 -23.03
C ALA A 25 -4.57 12.39 -23.62
N ASN A 26 -4.18 11.17 -23.92
CA ASN A 26 -5.14 10.15 -24.31
C ASN A 26 -5.31 9.19 -23.14
N PRO A 27 -6.42 8.45 -23.11
CA PRO A 27 -6.67 7.56 -21.98
C PRO A 27 -5.49 6.65 -21.61
N ALA A 28 -4.78 6.06 -22.58
CA ALA A 28 -3.65 5.16 -22.22
C ALA A 28 -2.54 5.91 -21.45
N GLU A 29 -2.20 7.11 -21.90
CA GLU A 29 -1.20 7.94 -21.23
C GLU A 29 -1.61 8.35 -19.82
N ILE A 30 -2.85 8.81 -19.69
CA ILE A 30 -3.33 9.29 -18.39
C ILE A 30 -3.34 8.11 -17.42
N ARG A 31 -3.82 6.97 -17.89
CA ARG A 31 -3.83 5.75 -17.08
C ARG A 31 -2.45 5.33 -16.57
N ALA A 32 -1.43 5.40 -17.43
CA ALA A 32 -0.06 5.05 -17.04
C ALA A 32 0.49 6.02 -16.01
N VAL A 33 0.11 7.28 -16.14
CA VAL A 33 0.64 8.31 -15.25
C VAL A 33 -0.03 8.18 -13.87
N PHE A 34 -1.33 7.91 -13.86
CA PHE A 34 -2.02 7.76 -12.60
C PHE A 34 -1.60 6.46 -11.88
N ASP A 35 -1.43 5.37 -12.63
CA ASP A 35 -1.00 4.12 -12.04
C ASP A 35 0.41 4.26 -11.46
N ASN A 36 1.31 4.90 -12.20
CA ASN A 36 2.64 5.16 -11.68
C ASN A 36 2.61 5.94 -10.36
N LEU A 37 1.66 6.87 -10.25
CA LEU A 37 1.57 7.75 -9.11
C LEU A 37 0.93 7.10 -7.89
N ALA A 38 -0.14 6.34 -8.11
CA ALA A 38 -1.06 6.00 -7.04
C ALA A 38 -1.08 4.52 -6.64
N ALA A 39 -0.41 3.68 -7.42
CA ALA A 39 -0.39 2.25 -7.14
C ALA A 39 1.03 1.77 -6.84
N PRO A 40 1.14 0.78 -5.95
CA PRO A 40 2.43 0.12 -5.67
C PRO A 40 2.96 -0.55 -6.94
N PRO A 41 4.26 -0.85 -6.98
CA PRO A 41 4.82 -1.41 -8.22
C PRO A 41 4.09 -2.69 -8.64
N GLN A 42 3.78 -2.78 -9.91
CA GLN A 42 2.97 -3.89 -10.40
C GLN A 42 3.74 -5.21 -10.40
N VAL A 43 3.08 -6.25 -9.91
CA VAL A 43 3.58 -7.61 -10.07
C VAL A 43 2.42 -8.45 -10.61
N ALA A 44 2.71 -9.68 -11.05
CA ALA A 44 1.67 -10.50 -11.65
C ALA A 44 0.73 -11.03 -10.59
N ARG A 45 1.30 -11.49 -9.49
CA ARG A 45 0.53 -12.18 -8.47
C ARG A 45 1.08 -11.92 -7.07
N VAL A 46 0.19 -11.74 -6.12
CA VAL A 46 0.56 -11.66 -4.72
C VAL A 46 -0.27 -12.63 -3.92
N GLU A 47 0.38 -13.57 -3.26
CA GLU A 47 -0.36 -14.58 -2.50
C GLU A 47 -0.02 -14.47 -1.03
N ASN A 48 -1.07 -14.35 -0.22
CA ASN A 48 -0.94 -14.39 1.22
C ASN A 48 -0.81 -15.84 1.63
N ILE A 49 0.32 -16.16 2.25
CA ILE A 49 0.66 -17.54 2.54
C ILE A 49 0.83 -17.76 4.03
N ALA A 50 0.23 -18.83 4.54
CA ALA A 50 0.43 -19.21 5.93
C ALA A 50 1.52 -20.28 6.00
N ILE A 51 2.52 -20.06 6.83
CA ILE A 51 3.59 -21.03 6.95
C ILE A 51 3.53 -21.70 8.30
N SER A 52 3.04 -22.93 8.34
CA SER A 52 2.97 -23.67 9.58
C SER A 52 4.29 -24.34 9.86
N LEU A 53 4.94 -23.95 10.95
CA LEU A 53 6.18 -24.57 11.35
C LEU A 53 5.96 -25.30 12.66
N ASP A 54 6.94 -26.09 13.07
CA ASP A 54 6.87 -26.70 14.39
C ASP A 54 6.81 -25.61 15.46
N GLY A 55 5.68 -25.54 16.15
CA GLY A 55 5.53 -24.64 17.28
C GLY A 55 4.82 -23.33 17.03
N ARG A 56 4.60 -22.99 15.76
CA ARG A 56 4.22 -21.62 15.41
C ARG A 56 3.82 -21.46 13.95
N ASP A 57 2.96 -20.47 13.70
CA ASP A 57 2.56 -20.10 12.35
C ASP A 57 3.11 -18.72 12.00
N LEU A 58 3.68 -18.59 10.82
CA LEU A 58 4.16 -17.30 10.35
C LEU A 58 3.38 -16.89 9.11
N ASP A 59 2.97 -15.63 9.07
CA ASP A 59 2.41 -15.07 7.86
C ASP A 59 3.52 -14.82 6.84
N ALA A 60 3.20 -15.00 5.57
CA ALA A 60 4.15 -14.69 4.51
C ALA A 60 3.40 -14.21 3.29
N ARG A 61 4.15 -13.66 2.36
CA ARG A 61 3.57 -13.14 1.14
C ARG A 61 4.49 -13.49 -0.01
N LEU A 62 3.90 -14.06 -1.05
CA LEU A 62 4.63 -14.41 -2.27
C LEU A 62 4.33 -13.39 -3.37
N TYR A 63 5.37 -12.82 -3.94
CA TYR A 63 5.20 -11.87 -5.01
C TYR A 63 5.71 -12.53 -6.27
N VAL A 64 4.90 -12.61 -7.30
CA VAL A 64 5.44 -13.14 -8.53
C VAL A 64 5.40 -12.03 -9.56
N PRO A 65 6.56 -11.71 -10.15
CA PRO A 65 6.65 -10.59 -11.08
C PRO A 65 6.04 -10.89 -12.45
N GLU A 66 5.48 -9.88 -13.11
CA GLU A 66 5.10 -10.01 -14.51
C GLU A 66 6.30 -10.49 -15.30
N ASP A 67 6.06 -11.36 -16.27
CA ASP A 67 7.12 -11.84 -17.18
C ASP A 67 8.22 -12.64 -16.47
N ALA A 68 7.92 -13.21 -15.31
CA ALA A 68 8.81 -14.20 -14.72
C ALA A 68 8.70 -15.52 -15.49
N ASP A 69 9.67 -16.39 -15.31
CA ASP A 69 9.66 -17.71 -15.92
C ASP A 69 8.50 -18.55 -15.42
N GLU A 70 8.31 -19.70 -16.03
CA GLU A 70 7.34 -20.69 -15.60
C GLU A 70 7.47 -20.97 -14.10
N ARG A 71 8.65 -21.38 -13.67
CA ARG A 71 8.96 -21.55 -12.25
C ARG A 71 10.18 -20.70 -11.90
N PRO A 72 9.94 -19.47 -11.44
CA PRO A 72 11.05 -18.54 -11.24
C PRO A 72 11.89 -18.88 -10.01
N ALA A 73 13.09 -18.33 -9.95
CA ALA A 73 13.91 -18.42 -8.75
C ALA A 73 13.20 -17.68 -7.61
N LEU A 74 13.59 -17.99 -6.38
CA LEU A 74 12.96 -17.35 -5.23
C LEU A 74 13.98 -16.69 -4.32
N MET A 75 13.69 -15.47 -3.93
CA MET A 75 14.40 -14.86 -2.83
C MET A 75 13.48 -14.76 -1.61
N VAL A 76 13.95 -15.28 -0.49
CA VAL A 76 13.19 -15.23 0.73
C VAL A 76 13.61 -13.96 1.44
N TYR A 77 12.64 -13.10 1.74
CA TYR A 77 12.95 -11.74 2.16
C TYR A 77 12.50 -11.52 3.59
N TYR A 78 13.30 -10.73 4.33
CA TYR A 78 13.07 -10.49 5.74
C TYR A 78 12.99 -9.00 5.93
N HIS A 79 11.83 -8.48 6.34
CA HIS A 79 11.66 -7.04 6.49
C HIS A 79 12.56 -6.50 7.60
N GLY A 80 12.89 -5.21 7.52
CA GLY A 80 13.57 -4.55 8.60
C GLY A 80 12.62 -3.97 9.63
N GLY A 81 13.18 -3.29 10.61
CA GLY A 81 12.40 -2.69 11.67
C GLY A 81 12.99 -3.00 13.05
N GLY A 82 14.31 -3.17 13.10
CA GLY A 82 15.05 -3.32 14.35
C GLY A 82 14.65 -4.51 15.20
N TRP A 83 14.19 -5.57 14.54
CA TRP A 83 13.79 -6.81 15.20
C TRP A 83 12.57 -6.59 16.08
N VAL A 84 12.02 -5.38 16.07
CA VAL A 84 10.91 -5.06 16.96
C VAL A 84 9.65 -4.67 16.20
N ILE A 85 9.80 -3.90 15.12
CA ILE A 85 8.64 -3.48 14.36
C ILE A 85 8.74 -3.97 12.91
N GLY A 86 7.84 -3.49 12.06
CA GLY A 86 7.85 -3.91 10.67
C GLY A 86 6.80 -5.00 10.45
N THR A 87 6.15 -4.97 9.29
CA THR A 87 5.17 -5.98 8.93
C THR A 87 5.28 -6.31 7.44
N LEU A 88 4.46 -7.27 7.00
CA LEU A 88 4.36 -7.56 5.59
C LEU A 88 3.89 -6.32 4.85
N ASP A 89 2.96 -5.56 5.44
CA ASP A 89 2.44 -4.37 4.78
C ASP A 89 3.44 -3.20 4.65
N THR A 90 4.27 -2.95 5.67
CA THR A 90 5.26 -1.88 5.57
C THR A 90 6.30 -2.17 4.49
N HIS A 91 6.53 -3.42 4.17
CA HIS A 91 7.53 -3.69 3.16
C HIS A 91 6.97 -4.25 1.90
N ASP A 92 5.65 -4.15 1.74
CA ASP A 92 5.00 -4.68 0.57
C ASP A 92 5.54 -4.00 -0.71
N GLY A 93 5.74 -2.69 -0.66
CA GLY A 93 6.27 -1.95 -1.80
C GLY A 93 7.69 -2.35 -2.22
N THR A 94 8.56 -2.49 -1.22
CA THR A 94 9.95 -2.89 -1.42
C THR A 94 10.06 -4.29 -2.03
N CYS A 95 9.29 -5.24 -1.52
CA CYS A 95 9.27 -6.57 -2.09
C CYS A 95 8.77 -6.56 -3.53
N ARG A 96 7.73 -5.78 -3.81
CA ARG A 96 7.20 -5.71 -5.19
C ARG A 96 8.25 -5.12 -6.12
N ALA A 97 8.89 -4.04 -5.67
CA ALA A 97 9.95 -3.40 -6.42
C ALA A 97 11.07 -4.37 -6.76
N LEU A 98 11.54 -5.09 -5.75
CA LEU A 98 12.61 -6.07 -5.98
C LEU A 98 12.17 -7.18 -6.95
N ALA A 99 10.94 -7.64 -6.81
CA ALA A 99 10.46 -8.76 -7.63
C ALA A 99 10.37 -8.33 -9.08
N GLN A 100 9.77 -7.16 -9.30
CA GLN A 100 9.66 -6.53 -10.62
C GLN A 100 11.00 -6.40 -11.32
N LYS A 101 12.00 -5.92 -10.61
CA LYS A 101 13.28 -5.62 -11.26
C LYS A 101 14.20 -6.84 -11.37
N SER A 102 13.98 -7.84 -10.53
CA SER A 102 14.80 -9.06 -10.60
C SER A 102 14.17 -10.17 -11.44
N GLY A 103 12.90 -10.02 -11.75
CA GLY A 103 12.17 -11.13 -12.36
C GLY A 103 12.07 -12.38 -11.49
N CYS A 104 12.51 -12.26 -10.23
CA CYS A 104 12.43 -13.36 -9.26
C CYS A 104 11.19 -13.27 -8.42
N ALA A 105 10.64 -14.43 -8.06
CA ALA A 105 9.64 -14.46 -7.00
C ALA A 105 10.31 -14.03 -5.69
N VAL A 106 9.54 -13.35 -4.84
CA VAL A 106 10.02 -12.91 -3.54
C VAL A 106 9.06 -13.46 -2.50
N LEU A 107 9.57 -14.15 -1.49
CA LEU A 107 8.72 -14.59 -0.39
C LEU A 107 9.05 -13.80 0.88
N SER A 108 8.18 -12.91 1.28
CA SER A 108 8.42 -12.06 2.43
C SER A 108 7.90 -12.72 3.73
N ILE A 109 8.76 -12.82 4.74
CA ILE A 109 8.43 -13.54 5.98
C ILE A 109 8.13 -12.61 7.16
N ALA A 110 6.98 -12.82 7.79
CA ALA A 110 6.73 -12.12 9.05
C ALA A 110 7.21 -13.00 10.19
N TYR A 111 8.51 -12.91 10.47
CA TYR A 111 9.13 -13.63 11.56
C TYR A 111 8.65 -13.07 12.92
N ARG A 112 8.79 -13.85 13.99
CA ARG A 112 8.28 -13.36 15.27
C ARG A 112 9.20 -12.22 15.76
N LEU A 113 8.61 -11.22 16.40
CA LEU A 113 9.33 -10.00 16.81
C LEU A 113 9.69 -9.89 18.29
N ALA A 114 10.83 -9.28 18.58
CA ALA A 114 11.19 -8.89 19.94
C ALA A 114 10.36 -7.67 20.41
N PRO A 115 10.28 -7.43 21.74
CA PRO A 115 10.83 -8.20 22.87
C PRO A 115 10.06 -9.49 23.18
N GLU A 116 8.84 -9.61 22.67
CA GLU A 116 8.01 -10.81 22.86
C GLU A 116 8.80 -12.08 22.57
N TYR A 117 9.54 -12.05 21.46
CA TYR A 117 10.38 -13.19 21.12
C TYR A 117 11.79 -12.72 20.89
N ARG A 118 12.56 -12.67 21.97
CA ARG A 118 13.92 -12.15 21.92
C ARG A 118 14.85 -13.10 21.19
N TYR A 119 16.09 -12.65 21.01
CA TYR A 119 17.09 -13.40 20.26
C TYR A 119 17.42 -14.77 20.79
N PRO A 120 16.83 -15.78 20.17
CA PRO A 120 17.32 -16.61 19.09
C PRO A 120 16.14 -16.71 18.08
N ALA A 121 14.95 -16.44 18.61
CA ALA A 121 13.66 -16.73 17.97
C ALA A 121 13.51 -16.12 16.58
N PRO A 122 13.69 -14.78 16.45
CA PRO A 122 13.45 -14.23 15.10
C PRO A 122 14.33 -14.85 14.01
N ALA A 123 15.58 -15.15 14.32
CA ALA A 123 16.47 -15.67 13.29
C ALA A 123 16.12 -17.12 13.02
N GLU A 124 15.67 -17.82 14.06
CA GLU A 124 15.24 -19.19 13.85
C GLU A 124 14.00 -19.18 12.97
N ASP A 125 13.08 -18.24 13.19
CA ASP A 125 11.92 -18.14 12.30
C ASP A 125 12.34 -17.96 10.86
N CYS A 126 13.32 -17.08 10.64
CA CYS A 126 13.76 -16.74 9.30
C CYS A 126 14.44 -17.94 8.62
N TYR A 127 15.27 -18.67 9.38
CA TYR A 127 15.93 -19.85 8.85
C TYR A 127 14.94 -20.98 8.56
N ASP A 128 14.08 -21.25 9.54
CA ASP A 128 13.07 -22.29 9.37
C ASP A 128 12.12 -21.98 8.21
N ALA A 129 11.87 -20.69 7.97
CA ALA A 129 11.07 -20.26 6.82
C ALA A 129 11.77 -20.50 5.48
N LEU A 130 13.06 -20.20 5.39
CA LEU A 130 13.81 -20.51 4.16
C LEU A 130 13.79 -22.03 3.85
N VAL A 131 13.93 -22.83 4.91
CA VAL A 131 13.83 -24.30 4.82
C VAL A 131 12.45 -24.73 4.31
N TRP A 132 11.41 -24.15 4.89
CA TRP A 132 10.04 -24.45 4.49
C TRP A 132 9.87 -24.15 3.01
N ALA A 133 10.36 -23.00 2.58
CA ALA A 133 10.23 -22.60 1.19
C ALA A 133 10.95 -23.59 0.27
N LYS A 134 12.18 -23.98 0.62
CA LYS A 134 12.88 -25.02 -0.13
C LYS A 134 12.04 -26.30 -0.26
N GLN A 135 11.47 -26.77 0.85
CA GLN A 135 10.75 -28.05 0.87
C GLN A 135 9.34 -27.98 0.30
N ASN A 136 8.85 -26.77 0.14
CA ASN A 136 7.53 -26.59 -0.44
C ASN A 136 7.63 -25.76 -1.71
N ALA A 137 8.81 -25.79 -2.31
CA ALA A 137 9.13 -25.01 -3.51
C ALA A 137 8.15 -25.27 -4.61
N ALA A 138 7.88 -26.54 -4.91
CA ALA A 138 7.00 -26.88 -6.02
C ALA A 138 5.59 -26.39 -5.77
N THR A 139 5.16 -26.46 -4.51
CA THR A 139 3.85 -25.98 -4.11
C THR A 139 3.69 -24.46 -4.27
N LEU A 140 4.72 -23.69 -3.92
CA LEU A 140 4.71 -22.26 -4.20
C LEU A 140 4.71 -21.96 -5.70
N GLY A 141 5.22 -22.90 -6.50
CA GLY A 141 5.42 -22.69 -7.92
C GLY A 141 6.75 -22.04 -8.24
N VAL A 142 7.76 -22.29 -7.42
CA VAL A 142 9.06 -21.70 -7.68
C VAL A 142 10.15 -22.78 -7.75
N ASP A 143 11.33 -22.39 -8.21
CA ASP A 143 12.47 -23.30 -8.31
C ASP A 143 13.32 -23.21 -7.03
N GLY A 144 13.25 -24.24 -6.19
CA GLY A 144 13.93 -24.22 -4.92
C GLY A 144 15.42 -24.51 -5.03
N ASP A 145 15.90 -24.68 -6.26
CA ASP A 145 17.31 -24.95 -6.52
C ASP A 145 18.03 -23.64 -6.81
N ARG A 146 17.23 -22.59 -7.04
CA ARG A 146 17.74 -21.23 -7.25
C ARG A 146 17.17 -20.33 -6.16
N LEU A 147 17.79 -20.41 -4.99
CA LEU A 147 17.33 -19.77 -3.77
C LEU A 147 18.21 -18.58 -3.36
N ALA A 148 17.58 -17.49 -2.92
CA ALA A 148 18.31 -16.38 -2.28
C ALA A 148 17.63 -15.90 -0.99
N VAL A 149 18.41 -15.22 -0.16
CA VAL A 149 17.88 -14.53 0.98
C VAL A 149 18.20 -13.04 0.82
N GLY A 150 17.32 -12.19 1.31
CA GLY A 150 17.54 -10.76 1.22
C GLY A 150 16.83 -10.09 2.37
N GLY A 151 17.17 -8.83 2.63
CA GLY A 151 16.47 -8.09 3.65
C GLY A 151 17.06 -6.71 3.91
N ASP A 152 16.28 -5.83 4.52
CA ASP A 152 16.71 -4.45 4.75
C ASP A 152 16.88 -4.20 6.25
N ALA A 153 17.92 -3.45 6.64
CA ALA A 153 18.11 -3.02 8.03
C ALA A 153 18.24 -4.22 9.00
N ALA A 154 17.33 -4.37 9.96
CA ALA A 154 17.34 -5.59 10.78
C ALA A 154 17.14 -6.82 9.90
N GLY A 155 16.43 -6.63 8.80
CA GLY A 155 16.12 -7.71 7.91
C GLY A 155 17.35 -8.21 7.18
N GLY A 156 18.24 -7.26 6.86
CA GLY A 156 19.52 -7.59 6.25
C GLY A 156 20.38 -8.33 7.26
N ASN A 157 20.24 -7.96 8.54
CA ASN A 157 20.88 -8.67 9.64
C ASN A 157 20.43 -10.12 9.66
N LEU A 158 19.11 -10.33 9.57
CA LEU A 158 18.57 -11.69 9.59
C LEU A 158 18.98 -12.50 8.37
N ALA A 159 19.03 -11.86 7.19
CA ALA A 159 19.43 -12.54 5.96
C ALA A 159 20.89 -12.98 6.00
N ALA A 160 21.73 -12.18 6.62
CA ALA A 160 23.13 -12.55 6.76
C ALA A 160 23.24 -13.74 7.69
N ALA A 161 22.48 -13.70 8.79
CA ALA A 161 22.48 -14.79 9.77
C ALA A 161 21.97 -16.09 9.17
N VAL A 162 20.85 -16.03 8.45
CA VAL A 162 20.30 -17.20 7.78
C VAL A 162 21.31 -17.84 6.81
N ALA A 163 22.06 -16.99 6.10
CA ALA A 163 23.08 -17.44 5.16
C ALA A 163 24.18 -18.20 5.90
N ILE A 164 24.51 -17.70 7.09
CA ILE A 164 25.46 -18.37 7.97
C ILE A 164 24.85 -19.67 8.49
N MET A 165 23.59 -19.62 8.92
CA MET A 165 22.93 -20.81 9.45
C MET A 165 22.82 -21.89 8.39
N ALA A 166 22.49 -21.50 7.16
CA ALA A 166 22.36 -22.44 6.06
C ALA A 166 23.69 -23.09 5.67
N ARG A 167 24.81 -22.39 5.88
CA ARG A 167 26.13 -22.96 5.61
C ARG A 167 26.58 -23.87 6.74
N ASP A 168 26.37 -23.42 7.97
CA ASP A 168 26.71 -24.19 9.15
C ASP A 168 25.82 -25.44 9.30
N ARG A 169 24.51 -25.25 9.20
CA ARG A 169 23.58 -26.37 9.36
C ARG A 169 23.44 -27.19 8.10
N ASN A 170 24.25 -26.87 7.11
CA ASN A 170 24.25 -27.59 5.84
C ASN A 170 22.87 -27.55 5.16
N GLY A 171 22.24 -26.38 5.19
CA GLY A 171 20.87 -26.25 4.75
C GLY A 171 20.68 -26.01 3.27
N PRO A 172 19.69 -25.21 2.93
CA PRO A 172 19.41 -24.84 1.54
C PRO A 172 20.60 -24.13 0.90
N ALA A 173 21.06 -24.64 -0.24
CA ALA A 173 22.10 -23.96 -1.01
C ALA A 173 21.57 -22.62 -1.50
N LEU A 174 22.25 -21.55 -1.14
CA LEU A 174 21.85 -20.21 -1.54
C LEU A 174 22.75 -19.68 -2.63
N ARG A 175 22.14 -19.10 -3.67
CA ARG A 175 22.87 -18.53 -4.78
C ARG A 175 23.26 -17.09 -4.50
N HIS A 176 22.59 -16.44 -3.53
CA HIS A 176 22.85 -15.04 -3.23
C HIS A 176 22.32 -14.64 -1.86
N GLN A 177 22.95 -13.65 -1.26
CA GLN A 177 22.39 -12.93 -0.11
C GLN A 177 22.38 -11.42 -0.40
N LEU A 178 21.20 -10.83 -0.46
CA LEU A 178 21.07 -9.40 -0.74
C LEU A 178 20.88 -8.59 0.55
N LEU A 179 21.94 -7.91 0.97
CA LEU A 179 21.95 -7.19 2.25
C LEU A 179 21.85 -5.69 2.00
N ILE A 180 20.70 -5.14 2.37
CA ILE A 180 20.39 -3.74 2.15
C ILE A 180 20.51 -2.98 3.45
N TYR A 181 21.43 -2.01 3.48
CA TYR A 181 21.85 -1.28 4.69
C TYR A 181 21.62 -2.08 5.97
N PRO A 182 22.36 -3.18 6.12
CA PRO A 182 22.14 -4.13 7.21
C PRO A 182 22.73 -3.74 8.56
N VAL A 183 22.04 -4.13 9.63
CA VAL A 183 22.62 -4.14 10.98
C VAL A 183 23.63 -5.28 11.04
N THR A 184 24.86 -5.00 11.48
CA THR A 184 25.88 -6.05 11.64
C THR A 184 26.58 -6.06 13.00
N ASP A 185 26.56 -4.94 13.73
CA ASP A 185 27.19 -4.88 15.04
C ASP A 185 26.56 -3.83 15.94
N ASN A 186 26.86 -3.92 17.23
CA ASN A 186 26.32 -2.99 18.22
C ASN A 186 27.41 -2.07 18.80
N ASP A 187 28.42 -1.78 18.00
CA ASP A 187 29.46 -0.83 18.37
C ASP A 187 29.03 0.57 17.95
N PHE A 188 28.50 1.33 18.91
CA PHE A 188 27.89 2.63 18.63
C PHE A 188 28.86 3.81 18.65
N THR A 189 30.15 3.52 18.53
CA THR A 189 31.17 4.57 18.59
C THR A 189 31.67 4.91 17.20
N LEU A 190 31.29 4.08 16.23
CA LEU A 190 31.73 4.23 14.85
C LEU A 190 31.47 5.62 14.31
N ALA A 191 32.31 6.03 13.36
CA ALA A 191 32.26 7.37 12.79
C ALA A 191 30.85 7.73 12.35
N SER A 192 30.30 6.91 11.46
CA SER A 192 28.97 7.15 10.90
C SER A 192 27.86 7.28 11.95
N TYR A 193 28.09 6.77 13.16
CA TYR A 193 27.11 6.97 14.23
C TYR A 193 27.15 8.40 14.75
N ALA A 194 28.36 8.95 14.83
CA ALA A 194 28.49 10.36 15.18
C ALA A 194 27.96 11.22 14.03
N GLU A 195 28.45 10.95 12.82
CA GLU A 195 28.05 11.69 11.64
C GLU A 195 26.55 11.63 11.34
N ASN A 196 25.94 10.45 11.54
CA ASN A 196 24.61 10.19 10.98
C ASN A 196 23.53 9.82 12.01
N GLY A 197 23.91 9.62 13.25
CA GLY A 197 23.03 8.98 14.23
C GLY A 197 22.19 9.90 15.07
N GLY A 198 22.18 11.19 14.76
CA GLY A 198 21.49 12.17 15.59
C GLY A 198 19.97 12.18 15.49
N GLY A 199 19.39 11.46 14.52
CA GLY A 199 17.94 11.48 14.33
C GLY A 199 17.54 12.35 13.17
N GLU A 200 18.48 13.20 12.76
CA GLU A 200 18.43 13.99 11.54
C GLU A 200 18.10 13.15 10.30
N TYR A 201 18.59 11.92 10.29
CA TYR A 201 18.40 11.03 9.14
C TYR A 201 17.53 9.84 9.54
N TYR A 202 16.35 10.12 10.07
CA TYR A 202 15.34 9.07 10.34
C TYR A 202 15.80 8.13 11.45
N LEU A 203 16.60 7.13 11.08
CA LEU A 203 17.22 6.26 12.07
C LEU A 203 18.22 7.04 12.94
N SER A 204 18.16 6.83 14.25
CA SER A 204 19.07 7.45 15.20
C SER A 204 19.94 6.40 15.89
N THR A 205 21.09 6.82 16.41
CA THR A 205 21.92 5.94 17.23
C THR A 205 21.13 5.40 18.44
N ASP A 206 20.31 6.26 19.06
CA ASP A 206 19.52 5.82 20.23
C ASP A 206 18.45 4.79 19.88
N GLY A 207 17.86 4.94 18.70
CA GLY A 207 16.97 3.94 18.15
C GLY A 207 17.66 2.57 18.14
N MET A 208 18.89 2.54 17.68
CA MET A 208 19.62 1.29 17.54
C MET A 208 19.99 0.67 18.89
N ARG A 209 20.23 1.51 19.90
CA ARG A 209 20.45 1.01 21.26
C ARG A 209 19.17 0.35 21.76
N TRP A 210 18.06 1.01 21.45
CA TRP A 210 16.74 0.58 21.86
C TRP A 210 16.38 -0.77 21.24
N PHE A 211 16.57 -0.87 19.92
CA PHE A 211 16.36 -2.10 19.16
C PHE A 211 17.19 -3.26 19.67
N TRP A 212 18.51 -3.06 19.70
CA TRP A 212 19.47 -4.08 20.14
C TRP A 212 19.15 -4.62 21.52
N GLY A 213 18.73 -3.71 22.40
CA GLY A 213 18.42 -4.06 23.77
C GLY A 213 17.17 -4.93 23.82
N HIS A 214 16.21 -4.63 22.96
CA HIS A 214 14.96 -5.37 22.95
C HIS A 214 15.15 -6.76 22.34
N TYR A 215 16.01 -6.85 21.34
CA TYR A 215 16.30 -8.10 20.66
C TYR A 215 17.11 -9.01 21.56
N LEU A 216 18.22 -8.51 22.05
CA LEU A 216 19.11 -9.32 22.88
C LEU A 216 18.53 -9.57 24.28
N GLY A 217 17.99 -8.53 24.89
CA GLY A 217 17.52 -8.63 26.26
C GLY A 217 18.70 -8.93 27.16
N ASP A 218 18.69 -10.09 27.81
CA ASP A 218 19.72 -10.47 28.76
C ASP A 218 20.92 -11.16 28.14
N THR A 219 20.83 -11.54 26.88
CA THR A 219 21.97 -12.20 26.26
C THR A 219 23.04 -11.16 25.99
N ALA A 220 24.29 -11.57 26.15
CA ALA A 220 25.44 -10.73 25.84
C ALA A 220 25.72 -10.80 24.34
N ALA A 221 25.93 -9.64 23.71
CA ALA A 221 26.25 -9.58 22.28
C ALA A 221 27.30 -10.63 21.92
N GLU A 222 28.24 -10.84 22.84
CA GLU A 222 29.29 -11.82 22.65
C GLU A 222 28.73 -13.23 22.70
N ASN A 223 27.61 -13.40 23.40
CA ASN A 223 26.92 -14.68 23.45
C ASN A 223 25.76 -14.72 22.48
N ALA A 224 25.83 -13.89 21.44
CA ALA A 224 24.80 -13.85 20.41
C ALA A 224 25.45 -13.78 19.03
N PRO A 225 25.99 -14.91 18.58
CA PRO A 225 26.80 -15.01 17.36
C PRO A 225 26.03 -14.65 16.08
N LEU A 226 24.71 -14.82 16.09
CA LEU A 226 23.91 -14.55 14.91
C LEU A 226 23.24 -13.17 14.96
N ALA A 227 23.60 -12.41 15.98
CA ALA A 227 23.12 -11.05 16.13
C ALA A 227 24.16 -10.09 15.56
N ALA A 228 25.33 -10.03 16.20
CA ALA A 228 26.46 -9.29 15.66
C ALA A 228 27.24 -10.17 14.70
N VAL A 229 26.70 -10.38 13.50
CA VAL A 229 27.33 -11.26 12.51
C VAL A 229 28.69 -10.73 12.07
N LEU A 230 28.94 -9.45 12.33
CA LEU A 230 30.24 -8.84 12.06
C LEU A 230 31.34 -9.51 12.87
N ASN A 231 30.97 -10.04 14.03
CA ASN A 231 31.91 -10.68 14.94
C ASN A 231 32.11 -12.16 14.67
N VAL A 232 31.42 -12.69 13.66
CA VAL A 232 31.64 -14.09 13.31
C VAL A 232 33.04 -14.22 12.72
N ALA A 233 33.89 -14.95 13.42
CA ALA A 233 35.30 -15.13 13.05
C ALA A 233 35.47 -15.51 11.59
N ASP A 234 34.76 -16.54 11.16
CA ASP A 234 34.92 -17.05 9.79
C ASP A 234 33.68 -16.79 8.93
N LEU A 235 33.86 -16.05 7.84
CA LEU A 235 32.76 -15.72 6.92
C LEU A 235 33.00 -16.36 5.55
N SER A 236 33.86 -17.35 5.51
CA SER A 236 34.12 -18.09 4.28
C SER A 236 33.00 -19.09 4.03
N GLY A 237 32.80 -19.44 2.78
CA GLY A 237 31.79 -20.41 2.42
C GLY A 237 30.37 -19.87 2.40
N LEU A 238 30.20 -18.56 2.51
CA LEU A 238 28.88 -17.97 2.47
C LEU A 238 28.44 -17.67 1.05
N ALA A 239 27.14 -17.56 0.86
CA ALA A 239 26.58 -17.20 -0.45
C ALA A 239 27.11 -15.84 -0.90
N PRO A 240 27.32 -15.69 -2.22
CA PRO A 240 27.67 -14.40 -2.85
C PRO A 240 26.77 -13.28 -2.35
N ALA A 241 27.36 -12.14 -2.04
CA ALA A 241 26.62 -11.08 -1.38
C ALA A 241 26.53 -9.82 -2.23
N THR A 242 25.43 -9.09 -2.02
CA THR A 242 25.36 -7.68 -2.39
C THR A 242 25.15 -6.91 -1.09
N VAL A 243 25.98 -5.90 -0.86
CA VAL A 243 25.84 -5.06 0.32
C VAL A 243 25.74 -3.59 -0.08
N ILE A 244 24.53 -3.08 -0.06
CA ILE A 244 24.28 -1.68 -0.35
C ILE A 244 24.11 -0.90 0.96
N THR A 245 25.00 0.06 1.19
CA THR A 245 24.86 0.94 2.36
C THR A 245 24.38 2.32 1.89
N ALA A 246 24.04 3.22 2.82
CA ALA A 246 23.61 4.56 2.46
C ALA A 246 24.56 5.59 3.08
N GLU A 247 24.82 6.69 2.38
CA GLU A 247 25.84 7.64 2.84
C GLU A 247 25.51 8.20 4.22
N TYR A 248 24.26 8.59 4.43
CA TYR A 248 23.83 9.25 5.67
C TYR A 248 23.07 8.32 6.58
N ASP A 249 23.50 7.07 6.57
CA ASP A 249 22.99 6.03 7.46
C ASP A 249 23.99 5.83 8.58
N PRO A 250 23.53 5.85 9.83
CA PRO A 250 24.41 5.52 10.96
C PRO A 250 25.00 4.12 10.86
N LEU A 251 24.34 3.21 10.12
CA LEU A 251 24.78 1.83 9.99
C LEU A 251 25.85 1.66 8.90
N ARG A 252 26.16 2.74 8.19
CA ARG A 252 27.05 2.71 7.04
C ARG A 252 28.39 2.02 7.29
N ASP A 253 29.07 2.39 8.36
CA ASP A 253 30.41 1.84 8.61
C ASP A 253 30.36 0.33 8.84
N GLU A 254 29.55 -0.13 9.79
CA GLU A 254 29.50 -1.56 10.08
C GLU A 254 29.02 -2.41 8.88
N GLY A 255 28.21 -1.82 8.01
CA GLY A 255 27.72 -2.51 6.84
C GLY A 255 28.84 -2.64 5.83
N ILE A 256 29.51 -1.51 5.57
CA ILE A 256 30.72 -1.49 4.76
C ILE A 256 31.74 -2.47 5.31
N ALA A 257 31.87 -2.50 6.63
CA ALA A 257 32.78 -3.41 7.32
C ALA A 257 32.50 -4.88 7.01
N TYR A 258 31.24 -5.30 7.19
CA TYR A 258 30.85 -6.68 6.94
C TYR A 258 31.19 -7.08 5.51
N ALA A 259 30.89 -6.21 4.56
CA ALA A 259 31.19 -6.46 3.16
C ALA A 259 32.69 -6.68 2.96
N LYS A 260 33.50 -5.89 3.67
CA LYS A 260 34.95 -6.06 3.61
C LYS A 260 35.33 -7.46 4.13
N LYS A 261 34.75 -7.84 5.27
CA LYS A 261 35.09 -9.13 5.88
C LYS A 261 34.62 -10.32 5.02
N LEU A 262 33.50 -10.15 4.30
CA LEU A 262 33.05 -11.18 3.37
C LEU A 262 34.04 -11.32 2.23
N ASP A 263 34.45 -10.17 1.69
CA ASP A 263 35.39 -10.14 0.60
C ASP A 263 36.74 -10.73 1.04
N ALA A 264 37.07 -10.51 2.30
CA ALA A 264 38.30 -11.07 2.89
C ALA A 264 38.27 -12.58 2.91
N ALA A 265 37.16 -13.15 3.35
CA ALA A 265 37.04 -14.60 3.51
C ALA A 265 36.70 -15.32 2.20
N GLY A 266 36.70 -14.60 1.09
CA GLY A 266 36.56 -15.23 -0.20
C GLY A 266 35.23 -15.04 -0.91
N VAL A 267 34.21 -14.65 -0.17
CA VAL A 267 32.89 -14.47 -0.77
C VAL A 267 32.86 -13.37 -1.83
N PRO A 268 32.36 -13.71 -3.03
CA PRO A 268 32.13 -12.66 -4.04
C PRO A 268 31.17 -11.60 -3.49
N VAL A 269 31.52 -10.33 -3.60
CA VAL A 269 30.66 -9.28 -3.09
C VAL A 269 30.57 -8.10 -4.04
N ASP A 270 29.36 -7.64 -4.34
CA ASP A 270 29.20 -6.30 -4.87
C ASP A 270 28.85 -5.42 -3.67
N ALA A 271 29.62 -4.35 -3.49
CA ALA A 271 29.46 -3.48 -2.33
C ALA A 271 29.52 -2.01 -2.72
N ALA A 272 28.48 -1.28 -2.35
CA ALA A 272 28.44 0.13 -2.70
C ALA A 272 27.71 0.91 -1.64
N THR A 273 28.18 2.12 -1.39
CA THR A 273 27.43 3.07 -0.58
C THR A 273 26.69 3.98 -1.53
N ALA A 274 25.39 4.13 -1.32
CA ALA A 274 24.59 5.00 -2.14
C ALA A 274 24.80 6.44 -1.72
N PRO A 275 25.26 7.30 -2.65
CA PRO A 275 25.46 8.72 -2.39
C PRO A 275 24.18 9.46 -2.12
N GLY A 276 24.14 10.19 -1.02
CA GLY A 276 23.06 11.12 -0.77
C GLY A 276 21.85 10.45 -0.17
N MET A 277 21.97 9.18 0.18
CA MET A 277 20.82 8.39 0.64
C MET A 277 20.84 8.20 2.15
N ILE A 278 19.67 7.97 2.73
CA ILE A 278 19.55 7.68 4.16
C ILE A 278 19.10 6.24 4.39
N HIS A 279 19.16 5.81 5.65
CA HIS A 279 18.58 4.52 6.03
C HIS A 279 17.13 4.39 5.56
N GLY A 280 16.79 3.23 4.98
CA GLY A 280 15.42 2.97 4.61
C GLY A 280 15.08 3.39 3.20
N PHE A 281 16.07 3.79 2.43
CA PHE A 281 15.75 4.42 1.15
C PHE A 281 15.27 3.46 0.06
N PHE A 282 15.44 2.14 0.24
CA PHE A 282 14.83 1.21 -0.73
C PHE A 282 13.31 1.33 -0.65
N SER A 283 12.78 1.60 0.54
CA SER A 283 11.35 1.72 0.73
C SER A 283 10.81 3.09 0.34
N MET A 284 11.69 4.02 -0.03
CA MET A 284 11.28 5.40 -0.33
C MET A 284 11.21 5.76 -1.81
N PHE A 285 11.20 4.76 -2.68
CA PHE A 285 11.24 4.98 -4.12
C PHE A 285 10.07 5.84 -4.66
N GLU A 286 8.94 5.88 -3.98
CA GLU A 286 7.84 6.67 -4.48
C GLU A 286 8.16 8.15 -4.41
N ALA A 287 8.93 8.56 -3.41
CA ALA A 287 9.23 9.98 -3.22
C ALA A 287 10.65 10.28 -3.68
N VAL A 288 11.50 9.26 -3.70
CA VAL A 288 12.88 9.41 -4.08
C VAL A 288 13.18 8.59 -5.31
N PRO A 289 13.00 9.19 -6.50
CA PRO A 289 13.17 8.50 -7.78
C PRO A 289 14.51 7.75 -7.87
N ASP A 290 15.53 8.33 -7.26
CA ASP A 290 16.87 7.78 -7.36
C ASP A 290 17.03 6.43 -6.64
N SER A 291 16.08 6.10 -5.75
CA SER A 291 16.06 4.79 -5.09
C SER A 291 16.00 3.64 -6.09
N TRP A 292 15.30 3.86 -7.19
CA TRP A 292 15.13 2.82 -8.20
C TRP A 292 16.47 2.34 -8.78
N GLU A 293 17.41 3.26 -8.94
CA GLU A 293 18.73 2.89 -9.44
C GLU A 293 19.35 1.81 -8.60
N TRP A 294 19.26 1.98 -7.29
CA TRP A 294 19.89 1.04 -6.38
C TRP A 294 19.07 -0.24 -6.21
N ILE A 295 17.75 -0.13 -6.34
CA ILE A 295 16.91 -1.31 -6.36
C ILE A 295 17.26 -2.16 -7.58
N GLU A 296 17.34 -1.51 -8.73
CA GLU A 296 17.69 -2.15 -9.99
C GLU A 296 19.06 -2.79 -9.87
N ARG A 297 19.97 -2.11 -9.17
CA ARG A 297 21.32 -2.61 -9.01
C ARG A 297 21.35 -3.93 -8.23
N GLY A 298 20.70 -3.94 -7.08
CA GLY A 298 20.66 -5.14 -6.27
C GLY A 298 19.95 -6.30 -6.98
N ALA A 299 18.84 -6.00 -7.63
CA ALA A 299 18.04 -7.00 -8.35
C ALA A 299 18.79 -7.56 -9.55
N SER A 300 19.66 -6.72 -10.12
CA SER A 300 20.51 -7.13 -11.23
C SER A 300 21.55 -8.15 -10.77
N ASN A 301 22.04 -8.04 -9.53
CA ASN A 301 22.94 -9.05 -8.96
C ASN A 301 22.21 -10.36 -8.69
N LEU A 302 21.01 -10.26 -8.15
CA LEU A 302 20.16 -11.41 -7.93
C LEU A 302 19.85 -12.12 -9.25
N LYS A 303 19.36 -11.37 -10.23
CA LYS A 303 19.04 -11.93 -11.54
C LYS A 303 20.23 -12.66 -12.16
N ARG A 304 21.43 -12.26 -11.80
CA ARG A 304 22.63 -12.89 -12.35
C ARG A 304 23.01 -14.16 -11.62
N ASP A 305 22.93 -14.12 -10.30
CA ASP A 305 23.32 -15.28 -9.49
C ASP A 305 22.23 -16.36 -9.46
N LEU A 306 21.03 -16.01 -9.91
CA LEU A 306 19.90 -16.94 -9.85
C LEU A 306 19.49 -17.43 -11.23
N ALA A 307 20.36 -17.20 -12.21
CA ALA A 307 20.09 -17.62 -13.58
C ALA A 307 20.04 -19.15 -13.72
N LEU A 308 19.12 -19.62 -14.55
CA LEU A 308 18.97 -21.05 -14.78
C LEU A 308 20.14 -21.59 -15.60
N GLU A 309 21.17 -22.06 -14.91
CA GLU A 309 22.36 -22.61 -15.57
C GLU A 309 22.24 -24.13 -15.74
N MET B 1 28.53 12.81 -1.56
CA MET B 1 27.47 13.59 -2.21
C MET B 1 26.58 14.30 -1.19
N PRO B 2 26.02 15.44 -1.58
CA PRO B 2 25.05 16.08 -0.70
C PRO B 2 23.81 15.21 -0.47
N LEU B 3 23.14 15.41 0.65
CA LEU B 3 21.88 14.72 0.93
C LEU B 3 20.94 14.90 -0.25
N ASN B 4 20.37 13.79 -0.72
CA ASN B 4 19.48 13.84 -1.86
C ASN B 4 18.29 14.75 -1.55
N PRO B 5 18.03 15.74 -2.42
CA PRO B 5 16.95 16.73 -2.24
C PRO B 5 15.56 16.15 -2.12
N HIS B 6 15.30 15.01 -2.77
CA HIS B 6 14.01 14.34 -2.59
C HIS B 6 14.00 13.73 -1.20
N VAL B 7 15.16 13.24 -0.77
CA VAL B 7 15.26 12.65 0.55
C VAL B 7 15.07 13.76 1.59
N GLU B 8 15.74 14.90 1.38
CA GLU B 8 15.62 16.00 2.32
C GLU B 8 14.19 16.54 2.38
N ALA B 9 13.51 16.63 1.23
CA ALA B 9 12.11 17.02 1.22
C ALA B 9 11.24 15.99 1.96
N LEU B 10 11.57 14.71 1.81
CA LEU B 10 10.83 13.68 2.54
C LEU B 10 11.07 13.82 4.05
N LEU B 11 12.30 14.11 4.44
CA LEU B 11 12.65 14.22 5.86
C LEU B 11 11.90 15.35 6.54
N GLN B 12 11.85 16.51 5.90
CA GLN B 12 11.13 17.65 6.46
C GLN B 12 9.61 17.40 6.44
N MET B 13 9.15 16.54 5.55
CA MET B 13 7.74 16.15 5.52
C MET B 13 7.40 15.31 6.76
N MET B 14 8.29 14.39 7.11
CA MET B 14 8.13 13.59 8.33
C MET B 14 8.21 14.47 9.58
N ALA B 15 9.23 15.33 9.62
CA ALA B 15 9.44 16.25 10.74
C ALA B 15 8.23 17.14 10.96
N GLN B 16 7.54 17.44 9.87
CA GLN B 16 6.36 18.29 9.88
C GLN B 16 5.13 17.56 10.45
N MET B 17 5.30 16.30 10.81
CA MET B 17 4.20 15.53 11.37
C MET B 17 4.33 15.39 12.89
N PRO B 18 3.38 15.96 13.63
CA PRO B 18 3.36 15.90 15.10
C PRO B 18 3.37 14.47 15.66
N ALA B 19 4.12 14.25 16.73
CA ALA B 19 4.24 12.93 17.40
C ALA B 19 4.53 11.80 16.41
N PRO B 27 6.56 -1.13 23.30
CA PRO B 27 6.83 -1.67 21.96
C PRO B 27 5.55 -1.83 21.19
N ALA B 28 4.54 -2.35 21.87
CA ALA B 28 3.23 -2.56 21.27
C ALA B 28 2.60 -1.24 20.80
N GLU B 29 2.83 -0.16 21.53
CA GLU B 29 2.30 1.16 21.13
C GLU B 29 3.15 1.74 20.01
N ILE B 30 4.45 1.48 20.10
CA ILE B 30 5.43 1.94 19.13
C ILE B 30 5.17 1.33 17.73
N ARG B 31 4.88 0.03 17.70
CA ARG B 31 4.50 -0.62 16.46
C ARG B 31 3.20 -0.02 15.91
N ALA B 32 2.29 0.31 16.81
CA ALA B 32 0.97 0.79 16.45
C ALA B 32 1.09 2.09 15.67
N VAL B 33 2.18 2.80 15.90
CA VAL B 33 2.38 4.10 15.26
C VAL B 33 3.20 4.01 13.99
N PHE B 34 4.39 3.41 14.10
CA PHE B 34 5.33 3.33 12.99
C PHE B 34 4.94 2.32 11.91
N ASP B 35 4.16 1.30 12.26
CA ASP B 35 3.69 0.37 11.25
C ASP B 35 2.63 1.08 10.43
N ASN B 36 1.95 2.02 11.05
CA ASN B 36 0.90 2.74 10.37
C ASN B 36 1.33 4.01 9.64
N LEU B 37 2.61 4.37 9.68
CA LEU B 37 3.04 5.52 8.88
C LEU B 37 3.67 5.05 7.57
N ALA B 38 3.40 5.80 6.49
CA ALA B 38 3.88 5.47 5.15
C ALA B 38 3.64 4.02 4.72
N ALA B 39 2.53 3.42 5.16
CA ALA B 39 2.22 2.03 4.84
C ALA B 39 0.72 1.81 4.66
N PRO B 40 0.33 0.89 3.77
CA PRO B 40 -1.08 0.52 3.62
C PRO B 40 -1.63 -0.10 4.91
N PRO B 41 -2.77 0.40 5.40
CA PRO B 41 -3.38 -0.11 6.63
C PRO B 41 -3.63 -1.62 6.60
N GLN B 42 -3.38 -2.29 7.72
CA GLN B 42 -3.48 -3.73 7.78
C GLN B 42 -4.93 -4.19 7.80
N VAL B 43 -5.22 -5.24 7.07
CA VAL B 43 -6.53 -5.88 7.15
C VAL B 43 -6.31 -7.37 7.27
N ALA B 44 -7.33 -8.11 7.72
CA ALA B 44 -7.13 -9.52 8.02
C ALA B 44 -7.02 -10.39 6.76
N ARG B 45 -7.88 -10.13 5.79
CA ARG B 45 -7.93 -10.93 4.59
C ARG B 45 -8.11 -10.03 3.39
N VAL B 46 -7.38 -10.31 2.31
CA VAL B 46 -7.64 -9.63 1.05
C VAL B 46 -7.73 -10.69 -0.01
N GLU B 47 -8.82 -10.68 -0.79
CA GLU B 47 -9.05 -11.71 -1.79
C GLU B 47 -9.38 -11.10 -3.13
N ASN B 48 -8.59 -11.48 -4.14
CA ASN B 48 -8.90 -11.14 -5.51
C ASN B 48 -9.99 -12.05 -6.05
N ILE B 49 -11.09 -11.42 -6.46
CA ILE B 49 -12.35 -12.06 -6.78
C ILE B 49 -12.69 -11.79 -8.25
N ALA B 50 -13.31 -12.74 -8.93
CA ALA B 50 -13.82 -12.44 -10.24
C ALA B 50 -15.34 -12.50 -10.20
N ILE B 51 -15.99 -11.48 -10.76
CA ILE B 51 -17.43 -11.41 -10.80
C ILE B 51 -17.95 -11.73 -12.19
N SER B 52 -18.74 -12.79 -12.35
CA SER B 52 -19.26 -13.12 -13.68
C SER B 52 -20.67 -12.53 -13.80
N LEU B 53 -20.82 -11.54 -14.68
CA LEU B 53 -22.10 -10.92 -14.92
C LEU B 53 -22.61 -11.39 -16.27
N ASP B 54 -23.81 -10.95 -16.62
CA ASP B 54 -24.30 -11.22 -17.96
C ASP B 54 -23.48 -10.38 -18.90
N GLY B 55 -22.81 -11.04 -19.83
CA GLY B 55 -22.10 -10.33 -20.88
C GLY B 55 -20.66 -10.00 -20.57
N ARG B 56 -20.27 -10.06 -19.30
CA ARG B 56 -18.92 -9.60 -18.94
C ARG B 56 -18.52 -10.04 -17.56
N ASP B 57 -17.21 -10.22 -17.37
CA ASP B 57 -16.60 -10.56 -16.10
C ASP B 57 -15.81 -9.37 -15.57
N LEU B 58 -15.98 -9.04 -14.31
CA LEU B 58 -15.26 -7.94 -13.71
C LEU B 58 -14.30 -8.43 -12.64
N ASP B 59 -13.12 -7.85 -12.59
CA ASP B 59 -12.22 -8.04 -11.47
C ASP B 59 -12.76 -7.35 -10.22
N ALA B 60 -12.54 -7.97 -9.06
CA ALA B 60 -12.96 -7.40 -7.79
C ALA B 60 -11.96 -7.76 -6.70
N ARG B 61 -11.95 -6.99 -5.63
CA ARG B 61 -11.11 -7.31 -4.49
C ARG B 61 -11.90 -7.15 -3.22
N LEU B 62 -11.90 -8.19 -2.38
CA LEU B 62 -12.62 -8.21 -1.12
C LEU B 62 -11.65 -7.96 0.02
N TYR B 63 -11.97 -6.98 0.84
CA TYR B 63 -11.16 -6.63 1.99
C TYR B 63 -11.98 -6.95 3.22
N VAL B 64 -11.42 -7.76 4.14
CA VAL B 64 -12.09 -8.05 5.40
C VAL B 64 -11.17 -7.64 6.54
N PRO B 65 -11.62 -6.69 7.36
CA PRO B 65 -10.70 -6.06 8.31
C PRO B 65 -10.59 -6.87 9.58
N GLU B 66 -9.56 -6.55 10.36
CA GLU B 66 -9.39 -7.13 11.67
C GLU B 66 -10.65 -6.88 12.50
N ASP B 67 -11.06 -7.88 13.28
CA ASP B 67 -12.20 -7.73 14.18
C ASP B 67 -13.51 -7.35 13.49
N ALA B 68 -13.73 -7.86 12.27
CA ALA B 68 -15.05 -7.77 11.66
C ALA B 68 -15.90 -8.89 12.23
N ASP B 69 -17.22 -8.74 12.20
CA ASP B 69 -18.12 -9.81 12.62
C ASP B 69 -17.88 -11.09 11.83
N GLU B 70 -18.32 -12.21 12.40
CA GLU B 70 -18.33 -13.51 11.74
C GLU B 70 -18.85 -13.46 10.31
N ARG B 71 -19.88 -12.66 10.12
CA ARG B 71 -20.50 -12.47 8.82
C ARG B 71 -20.69 -10.96 8.69
N PRO B 72 -19.65 -10.26 8.22
CA PRO B 72 -19.67 -8.79 8.32
C PRO B 72 -20.56 -8.10 7.31
N ALA B 73 -20.90 -6.85 7.61
CA ALA B 73 -21.53 -5.97 6.65
C ALA B 73 -20.57 -5.79 5.48
N LEU B 74 -21.12 -5.39 4.34
CA LEU B 74 -20.36 -5.23 3.11
C LEU B 74 -20.57 -3.83 2.51
N MET B 75 -19.50 -3.08 2.31
CA MET B 75 -19.65 -1.96 1.41
C MET B 75 -19.07 -2.32 0.03
N VAL B 76 -19.88 -2.13 -1.01
CA VAL B 76 -19.41 -2.26 -2.37
C VAL B 76 -18.84 -0.90 -2.82
N TYR B 77 -17.54 -0.89 -3.12
CA TYR B 77 -16.81 0.33 -3.39
C TYR B 77 -16.41 0.48 -4.87
N TYR B 78 -16.56 1.70 -5.36
CA TYR B 78 -16.22 2.05 -6.73
C TYR B 78 -15.13 3.13 -6.72
N HIS B 79 -13.95 2.77 -7.20
CA HIS B 79 -12.82 3.70 -7.25
C HIS B 79 -13.13 4.91 -8.13
N GLY B 80 -12.44 6.01 -7.85
CA GLY B 80 -12.46 7.18 -8.71
C GLY B 80 -11.42 7.15 -9.82
N GLY B 81 -11.34 8.24 -10.57
CA GLY B 81 -10.58 8.28 -11.82
C GLY B 81 -11.38 8.82 -13.02
N GLY B 82 -12.41 9.60 -12.74
CA GLY B 82 -13.17 10.27 -13.80
C GLY B 82 -13.80 9.33 -14.81
N TRP B 83 -14.16 8.13 -14.37
CA TRP B 83 -14.76 7.07 -15.22
C TRP B 83 -13.81 6.56 -16.32
N VAL B 84 -12.57 7.02 -16.32
CA VAL B 84 -11.64 6.69 -17.40
C VAL B 84 -10.41 5.97 -16.86
N ILE B 85 -9.99 6.31 -15.64
CA ILE B 85 -8.75 5.78 -15.13
C ILE B 85 -8.97 5.18 -13.74
N GLY B 86 -7.92 4.60 -13.20
CA GLY B 86 -8.00 3.99 -11.89
C GLY B 86 -8.16 2.48 -11.97
N THR B 87 -7.57 1.81 -10.98
CA THR B 87 -7.58 0.34 -10.86
C THR B 87 -7.81 -0.08 -9.41
N LEU B 88 -8.01 -1.38 -9.21
CA LEU B 88 -8.08 -1.94 -7.86
C LEU B 88 -6.83 -1.57 -7.09
N ASP B 89 -5.71 -1.50 -7.79
CA ASP B 89 -4.43 -1.21 -7.17
C ASP B 89 -4.28 0.27 -6.80
N THR B 90 -4.81 1.18 -7.61
CA THR B 90 -4.62 2.60 -7.28
C THR B 90 -5.39 3.00 -6.01
N HIS B 91 -6.47 2.27 -5.72
CA HIS B 91 -7.37 2.60 -4.61
C HIS B 91 -7.34 1.54 -3.52
N ASP B 92 -6.30 0.72 -3.53
CA ASP B 92 -6.15 -0.36 -2.55
C ASP B 92 -6.05 0.22 -1.14
N GLY B 93 -5.17 1.21 -1.01
CA GLY B 93 -4.91 1.86 0.25
C GLY B 93 -6.17 2.46 0.82
N THR B 94 -6.94 3.13 -0.02
CA THR B 94 -8.19 3.73 0.43
C THR B 94 -9.18 2.68 0.92
N CYS B 95 -9.28 1.57 0.20
CA CYS B 95 -10.18 0.49 0.61
C CYS B 95 -9.77 -0.15 1.94
N ARG B 96 -8.49 -0.36 2.13
CA ARG B 96 -7.97 -0.84 3.41
C ARG B 96 -8.30 0.11 4.56
N ALA B 97 -8.09 1.41 4.34
CA ALA B 97 -8.40 2.41 5.37
C ALA B 97 -9.88 2.38 5.73
N LEU B 98 -10.75 2.17 4.75
CA LEU B 98 -12.18 2.27 5.04
C LEU B 98 -12.66 1.00 5.72
N ALA B 99 -12.17 -0.16 5.28
CA ALA B 99 -12.50 -1.42 5.92
C ALA B 99 -12.05 -1.38 7.38
N GLN B 100 -10.80 -0.95 7.58
CA GLN B 100 -10.21 -0.93 8.92
C GLN B 100 -10.98 -0.02 9.86
N LYS B 101 -11.35 1.17 9.39
CA LYS B 101 -12.00 2.12 10.27
C LYS B 101 -13.49 1.86 10.42
N SER B 102 -14.09 1.10 9.51
CA SER B 102 -15.53 0.86 9.59
C SER B 102 -15.89 -0.47 10.24
N GLY B 103 -15.00 -1.45 10.13
CA GLY B 103 -15.26 -2.77 10.69
C GLY B 103 -16.05 -3.66 9.74
N CYS B 104 -16.39 -3.09 8.58
CA CYS B 104 -17.15 -3.78 7.56
C CYS B 104 -16.26 -4.32 6.46
N ALA B 105 -16.68 -5.40 5.82
CA ALA B 105 -15.98 -5.89 4.65
C ALA B 105 -16.15 -4.85 3.53
N VAL B 106 -15.18 -4.76 2.62
CA VAL B 106 -15.27 -3.86 1.46
C VAL B 106 -15.02 -4.65 0.18
N LEU B 107 -15.92 -4.53 -0.79
CA LEU B 107 -15.73 -5.16 -2.08
C LEU B 107 -15.48 -4.10 -3.13
N SER B 108 -14.25 -4.07 -3.62
CA SER B 108 -13.81 -3.09 -4.60
C SER B 108 -14.00 -3.63 -6.01
N ILE B 109 -14.71 -2.86 -6.82
CA ILE B 109 -15.17 -3.26 -8.16
C ILE B 109 -14.39 -2.58 -9.28
N ALA B 110 -13.83 -3.38 -10.19
CA ALA B 110 -13.17 -2.83 -11.38
C ALA B 110 -14.15 -2.76 -12.54
N TYR B 111 -15.06 -1.79 -12.49
CA TYR B 111 -16.02 -1.60 -13.56
C TYR B 111 -15.30 -1.26 -14.87
N ARG B 112 -15.99 -1.44 -16.00
CA ARG B 112 -15.37 -1.11 -17.28
C ARG B 112 -15.28 0.39 -17.45
N LEU B 113 -14.25 0.83 -18.16
CA LEU B 113 -13.87 2.23 -18.18
C LEU B 113 -14.18 2.89 -19.51
N ALA B 114 -14.57 4.15 -19.42
CA ALA B 114 -14.68 5.03 -20.58
C ALA B 114 -13.27 5.44 -21.08
N PRO B 115 -13.14 5.78 -22.37
CA PRO B 115 -14.14 5.86 -23.45
C PRO B 115 -14.44 4.53 -24.12
N GLU B 116 -13.69 3.47 -23.79
CA GLU B 116 -13.99 2.17 -24.37
C GLU B 116 -15.43 1.79 -24.10
N TYR B 117 -15.84 1.96 -22.85
CA TYR B 117 -17.23 1.73 -22.46
C TYR B 117 -17.83 3.05 -21.95
N ARG B 118 -18.65 3.66 -22.77
CA ARG B 118 -19.25 4.94 -22.41
C ARG B 118 -20.50 4.76 -21.54
N TYR B 119 -20.92 5.84 -20.89
CA TYR B 119 -22.20 5.87 -20.19
C TYR B 119 -23.25 5.24 -21.10
N PRO B 120 -24.10 4.35 -20.55
CA PRO B 120 -24.24 3.98 -19.13
C PRO B 120 -23.41 2.74 -18.65
N ALA B 121 -22.59 2.16 -19.51
CA ALA B 121 -21.85 0.94 -19.21
C ALA B 121 -21.16 0.88 -17.81
N PRO B 122 -20.29 1.86 -17.47
CA PRO B 122 -19.66 1.78 -16.13
C PRO B 122 -20.67 1.77 -15.01
N ALA B 123 -21.77 2.52 -15.19
CA ALA B 123 -22.81 2.57 -14.18
C ALA B 123 -23.56 1.24 -14.04
N GLU B 124 -23.83 0.58 -15.17
CA GLU B 124 -24.54 -0.69 -15.13
C GLU B 124 -23.65 -1.78 -14.55
N ASP B 125 -22.35 -1.70 -14.81
CA ASP B 125 -21.40 -2.59 -14.16
C ASP B 125 -21.49 -2.48 -12.66
N CYS B 126 -21.45 -1.23 -12.17
CA CYS B 126 -21.43 -0.97 -10.74
C CYS B 126 -22.72 -1.42 -10.07
N TYR B 127 -23.84 -1.18 -10.74
CA TYR B 127 -25.11 -1.63 -10.20
C TYR B 127 -25.16 -3.14 -10.20
N ASP B 128 -24.82 -3.76 -11.34
CA ASP B 128 -24.85 -5.22 -11.49
C ASP B 128 -23.90 -5.93 -10.51
N ALA B 129 -22.79 -5.26 -10.17
CA ALA B 129 -21.83 -5.84 -9.21
C ALA B 129 -22.44 -5.84 -7.79
N LEU B 130 -23.16 -4.77 -7.45
CA LEU B 130 -23.92 -4.75 -6.19
C LEU B 130 -24.92 -5.93 -6.13
N VAL B 131 -25.72 -6.08 -7.17
CA VAL B 131 -26.70 -7.18 -7.22
C VAL B 131 -26.04 -8.55 -7.14
N TRP B 132 -24.89 -8.70 -7.81
CA TRP B 132 -24.13 -9.94 -7.70
C TRP B 132 -23.73 -10.21 -6.26
N ALA B 133 -23.29 -9.15 -5.58
CA ALA B 133 -22.71 -9.27 -4.24
C ALA B 133 -23.77 -9.71 -3.25
N LYS B 134 -24.96 -9.14 -3.38
CA LYS B 134 -26.13 -9.53 -2.60
C LYS B 134 -26.54 -10.97 -2.92
N GLN B 135 -26.57 -11.32 -4.20
CA GLN B 135 -26.93 -12.67 -4.59
C GLN B 135 -25.90 -13.69 -4.13
N ASN B 136 -24.64 -13.28 -4.08
CA ASN B 136 -23.55 -14.17 -3.78
C ASN B 136 -22.94 -13.91 -2.40
N ALA B 137 -23.73 -13.31 -1.51
CA ALA B 137 -23.27 -12.96 -0.18
C ALA B 137 -22.73 -14.19 0.56
N ALA B 138 -23.40 -15.33 0.42
CA ALA B 138 -22.95 -16.54 1.10
C ALA B 138 -21.57 -16.95 0.55
N THR B 139 -21.38 -16.78 -0.75
CA THR B 139 -20.12 -17.07 -1.41
C THR B 139 -19.01 -16.17 -0.88
N LEU B 140 -19.34 -14.90 -0.68
CA LEU B 140 -18.38 -13.93 -0.15
C LEU B 140 -18.21 -14.06 1.36
N GLY B 141 -19.14 -14.75 2.03
CA GLY B 141 -19.11 -14.79 3.48
C GLY B 141 -19.46 -13.48 4.18
N VAL B 142 -20.45 -12.78 3.64
CA VAL B 142 -20.85 -11.50 4.22
C VAL B 142 -22.34 -11.51 4.45
N ASP B 143 -22.85 -10.49 5.12
CA ASP B 143 -24.25 -10.43 5.46
C ASP B 143 -24.96 -9.66 4.37
N GLY B 144 -25.64 -10.37 3.47
CA GLY B 144 -26.37 -9.73 2.38
C GLY B 144 -27.49 -8.76 2.75
N ASP B 145 -27.85 -8.68 4.03
CA ASP B 145 -28.87 -7.69 4.47
C ASP B 145 -28.25 -6.43 5.06
N ARG B 146 -26.93 -6.37 5.14
CA ARG B 146 -26.26 -5.16 5.59
C ARG B 146 -25.28 -4.72 4.49
N LEU B 147 -25.83 -4.02 3.52
CA LEU B 147 -25.13 -3.59 2.32
C LEU B 147 -25.05 -2.08 2.24
N ALA B 148 -23.94 -1.60 1.69
CA ALA B 148 -23.75 -0.16 1.50
C ALA B 148 -22.94 0.02 0.21
N VAL B 149 -23.04 1.20 -0.40
CA VAL B 149 -22.15 1.52 -1.51
C VAL B 149 -21.28 2.68 -1.11
N GLY B 150 -20.16 2.85 -1.78
CA GLY B 150 -19.30 3.98 -1.52
C GLY B 150 -18.41 4.20 -2.69
N GLY B 151 -17.79 5.38 -2.73
CA GLY B 151 -16.85 5.71 -3.76
C GLY B 151 -16.30 7.13 -3.66
N ASP B 152 -15.17 7.37 -4.31
CA ASP B 152 -14.54 8.67 -4.28
C ASP B 152 -14.54 9.24 -5.68
N ALA B 153 -14.78 10.55 -5.78
CA ALA B 153 -14.80 11.25 -7.07
C ALA B 153 -15.83 10.65 -8.03
N ALA B 154 -15.37 10.19 -9.19
CA ALA B 154 -16.26 9.55 -10.15
C ALA B 154 -16.79 8.24 -9.57
N GLY B 155 -16.06 7.68 -8.61
CA GLY B 155 -16.56 6.56 -7.83
C GLY B 155 -17.74 6.90 -6.90
N GLY B 156 -17.71 8.08 -6.29
CA GLY B 156 -18.86 8.55 -5.50
C GLY B 156 -20.06 8.83 -6.39
N ASN B 157 -19.77 9.34 -7.59
CA ASN B 157 -20.78 9.46 -8.64
C ASN B 157 -21.46 8.14 -8.95
N LEU B 158 -20.65 7.10 -9.16
CA LEU B 158 -21.18 5.79 -9.48
C LEU B 158 -21.95 5.26 -8.27
N ALA B 159 -21.44 5.48 -7.07
CA ALA B 159 -22.14 4.98 -5.87
C ALA B 159 -23.53 5.61 -5.78
N ALA B 160 -23.61 6.92 -6.00
CA ALA B 160 -24.87 7.68 -5.96
C ALA B 160 -25.84 7.18 -7.03
N ALA B 161 -25.31 6.96 -8.22
CA ALA B 161 -26.10 6.42 -9.31
C ALA B 161 -26.59 5.01 -8.97
N VAL B 162 -25.72 4.19 -8.39
CA VAL B 162 -26.13 2.84 -7.98
C VAL B 162 -27.24 2.88 -6.92
N ALA B 163 -27.14 3.80 -5.96
CA ALA B 163 -28.15 3.91 -4.90
C ALA B 163 -29.50 4.31 -5.51
N ILE B 164 -29.43 5.11 -6.57
CA ILE B 164 -30.64 5.51 -7.25
C ILE B 164 -31.23 4.32 -8.01
N MET B 165 -30.39 3.57 -8.72
CA MET B 165 -30.83 2.39 -9.49
C MET B 165 -31.41 1.30 -8.59
N ALA B 166 -30.75 1.06 -7.46
CA ALA B 166 -31.23 0.10 -6.46
C ALA B 166 -32.60 0.51 -5.96
N ARG B 167 -32.79 1.80 -5.72
CA ARG B 167 -34.14 2.25 -5.43
C ARG B 167 -35.14 2.00 -6.59
N ASP B 168 -34.84 2.52 -7.78
CA ASP B 168 -35.81 2.44 -8.87
C ASP B 168 -36.14 0.99 -9.30
N ARG B 169 -35.13 0.11 -9.25
CA ARG B 169 -35.27 -1.25 -9.78
C ARG B 169 -35.62 -2.30 -8.72
N ASN B 170 -36.04 -1.85 -7.54
CA ASN B 170 -36.30 -2.78 -6.44
C ASN B 170 -35.05 -3.65 -6.21
N GLY B 171 -33.88 -3.01 -6.27
CA GLY B 171 -32.60 -3.70 -6.17
C GLY B 171 -32.27 -3.93 -4.72
N PRO B 172 -31.01 -4.31 -4.43
CA PRO B 172 -30.63 -4.57 -3.05
C PRO B 172 -30.93 -3.36 -2.16
N ALA B 173 -31.60 -3.59 -1.03
CA ALA B 173 -31.80 -2.54 -0.05
C ALA B 173 -30.42 -2.11 0.43
N LEU B 174 -30.16 -0.80 0.46
CA LEU B 174 -28.89 -0.28 0.94
C LEU B 174 -29.08 0.47 2.25
N ARG B 175 -28.12 0.29 3.16
CA ARG B 175 -28.21 0.95 4.44
C ARG B 175 -27.45 2.26 4.41
N HIS B 176 -26.61 2.46 3.40
CA HIS B 176 -25.78 3.66 3.34
C HIS B 176 -25.17 3.86 1.97
N GLN B 177 -24.86 5.11 1.64
CA GLN B 177 -24.06 5.46 0.47
C GLN B 177 -23.04 6.47 0.92
N LEU B 178 -21.77 6.08 0.91
CA LEU B 178 -20.70 6.97 1.33
C LEU B 178 -20.12 7.68 0.10
N LEU B 179 -20.35 8.99 0.01
CA LEU B 179 -19.96 9.73 -1.19
C LEU B 179 -18.79 10.68 -0.88
N ILE B 180 -17.62 10.32 -1.37
CA ILE B 180 -16.40 11.04 -1.05
C ILE B 180 -16.03 11.94 -2.23
N TYR B 181 -16.01 13.27 -1.99
CA TYR B 181 -15.94 14.32 -3.01
C TYR B 181 -16.41 13.86 -4.37
N PRO B 182 -17.72 13.64 -4.50
CA PRO B 182 -18.32 13.06 -5.70
C PRO B 182 -18.50 14.06 -6.83
N VAL B 183 -18.40 13.55 -8.04
CA VAL B 183 -18.84 14.25 -9.23
C VAL B 183 -20.35 14.05 -9.32
N THR B 184 -21.13 15.13 -9.40
CA THR B 184 -22.58 14.97 -9.55
C THR B 184 -23.19 15.71 -10.77
N ASP B 185 -22.40 16.54 -11.43
CA ASP B 185 -22.91 17.35 -12.55
C ASP B 185 -21.77 17.87 -13.44
N ASN B 186 -22.08 18.27 -14.67
CA ASN B 186 -21.06 18.89 -15.53
C ASN B 186 -21.30 20.39 -15.73
N ASP B 187 -21.70 21.08 -14.68
CA ASP B 187 -21.83 22.55 -14.73
C ASP B 187 -20.54 23.20 -14.28
N PHE B 188 -19.70 23.62 -15.23
CA PHE B 188 -18.39 24.14 -14.89
C PHE B 188 -18.41 25.64 -14.59
N THR B 189 -19.59 26.25 -14.69
CA THR B 189 -19.77 27.66 -14.36
C THR B 189 -19.68 27.91 -12.84
N LEU B 190 -19.96 26.88 -12.03
CA LEU B 190 -20.07 27.01 -10.57
C LEU B 190 -18.81 27.57 -9.91
N ALA B 191 -18.98 28.18 -8.74
CA ALA B 191 -17.91 28.94 -8.09
C ALA B 191 -16.62 28.16 -7.84
N SER B 192 -16.73 26.94 -7.29
CA SER B 192 -15.53 26.17 -6.90
C SER B 192 -14.62 25.87 -8.10
N TYR B 193 -15.19 25.69 -9.28
CA TYR B 193 -14.39 25.57 -10.51
C TYR B 193 -13.55 26.82 -10.78
N ALA B 194 -14.18 27.98 -10.69
CA ALA B 194 -13.47 29.24 -10.91
C ALA B 194 -12.32 29.39 -9.89
N GLU B 195 -12.61 29.17 -8.61
CA GLU B 195 -11.58 29.23 -7.57
C GLU B 195 -10.55 28.11 -7.57
N ASN B 196 -11.01 26.87 -7.75
CA ASN B 196 -10.15 25.70 -7.50
C ASN B 196 -9.75 24.94 -8.76
N GLY B 197 -10.32 25.36 -9.89
CA GLY B 197 -10.22 24.58 -11.12
C GLY B 197 -9.12 25.04 -12.04
N GLY B 198 -8.09 25.67 -11.48
CA GLY B 198 -6.97 26.16 -12.24
C GLY B 198 -5.89 25.13 -12.54
N GLY B 199 -5.75 24.11 -11.70
CA GLY B 199 -4.76 23.08 -11.92
C GLY B 199 -3.70 23.01 -10.84
N GLU B 200 -3.67 24.00 -9.96
CA GLU B 200 -2.68 24.02 -8.88
C GLU B 200 -3.10 23.13 -7.70
N TYR B 201 -4.34 22.63 -7.76
CA TYR B 201 -4.89 21.77 -6.71
C TYR B 201 -5.24 20.36 -7.19
N TYR B 202 -4.37 19.76 -8.00
CA TYR B 202 -4.50 18.39 -8.49
C TYR B 202 -5.56 18.24 -9.59
N LEU B 203 -6.82 18.48 -9.29
CA LEU B 203 -7.87 18.38 -10.32
C LEU B 203 -8.17 19.76 -10.96
N SER B 204 -8.24 19.79 -12.29
CA SER B 204 -8.55 21.00 -13.03
C SER B 204 -9.93 20.92 -13.69
N THR B 205 -10.57 22.06 -13.91
CA THR B 205 -11.81 22.13 -14.72
C THR B 205 -11.59 21.47 -16.08
N ASP B 206 -10.43 21.72 -16.69
CA ASP B 206 -10.06 21.07 -17.94
C ASP B 206 -10.03 19.54 -17.82
N GLY B 207 -9.49 19.06 -16.70
CA GLY B 207 -9.48 17.63 -16.43
C GLY B 207 -10.90 17.12 -16.40
N MET B 208 -11.77 17.81 -15.68
CA MET B 208 -13.15 17.34 -15.59
C MET B 208 -13.88 17.32 -16.95
N ARG B 209 -13.61 18.31 -17.80
CA ARG B 209 -14.21 18.36 -19.13
C ARG B 209 -13.81 17.12 -19.94
N TRP B 210 -12.51 16.86 -19.93
CA TRP B 210 -11.92 15.66 -20.50
C TRP B 210 -12.65 14.38 -20.06
N PHE B 211 -12.79 14.21 -18.75
CA PHE B 211 -13.43 13.03 -18.19
C PHE B 211 -14.87 12.90 -18.65
N TRP B 212 -15.62 13.98 -18.48
CA TRP B 212 -17.00 14.02 -18.90
C TRP B 212 -17.13 13.73 -20.41
N GLY B 213 -16.23 14.29 -21.22
CA GLY B 213 -16.26 14.07 -22.66
C GLY B 213 -16.09 12.60 -22.98
N HIS B 214 -15.08 12.00 -22.37
CA HIS B 214 -14.87 10.59 -22.52
C HIS B 214 -16.04 9.75 -22.01
N TYR B 215 -16.61 10.12 -20.87
CA TYR B 215 -17.69 9.32 -20.29
C TYR B 215 -18.96 9.35 -21.12
N LEU B 216 -19.41 10.57 -21.48
CA LEU B 216 -20.69 10.70 -22.19
C LEU B 216 -20.58 10.41 -23.69
N GLY B 217 -19.46 10.76 -24.29
CA GLY B 217 -19.30 10.62 -25.73
C GLY B 217 -20.24 11.58 -26.44
N ASP B 218 -21.14 11.01 -27.24
CA ASP B 218 -22.14 11.78 -27.97
C ASP B 218 -23.33 12.17 -27.10
N THR B 219 -23.60 11.37 -26.06
CA THR B 219 -24.79 11.57 -25.22
C THR B 219 -24.73 12.88 -24.49
N ALA B 220 -25.80 13.67 -24.62
CA ALA B 220 -25.85 14.95 -23.90
C ALA B 220 -26.12 14.67 -22.43
N ALA B 221 -25.65 15.56 -21.57
CA ALA B 221 -25.79 15.40 -20.13
C ALA B 221 -27.25 15.33 -19.71
N GLU B 222 -28.08 16.11 -20.40
CA GLU B 222 -29.50 16.15 -20.12
C GLU B 222 -30.13 14.77 -20.27
N ASN B 223 -29.53 13.93 -21.13
CA ASN B 223 -30.00 12.57 -21.36
C ASN B 223 -29.19 11.56 -20.55
N ALA B 224 -28.42 12.04 -19.58
CA ALA B 224 -27.62 11.15 -18.76
C ALA B 224 -27.84 11.38 -17.26
N PRO B 225 -29.04 11.05 -16.75
CA PRO B 225 -29.38 11.33 -15.34
C PRO B 225 -28.55 10.51 -14.34
N LEU B 226 -28.20 9.29 -14.73
CA LEU B 226 -27.36 8.47 -13.88
C LEU B 226 -25.91 8.91 -13.93
N ALA B 227 -25.61 9.89 -14.78
CA ALA B 227 -24.28 10.51 -14.77
C ALA B 227 -24.36 11.79 -13.98
N ALA B 228 -25.23 12.70 -14.39
CA ALA B 228 -25.35 14.00 -13.72
C ALA B 228 -26.45 13.92 -12.68
N VAL B 229 -26.19 13.19 -11.60
CA VAL B 229 -27.24 12.76 -10.67
C VAL B 229 -27.94 13.93 -9.96
N LEU B 230 -27.28 15.10 -10.01
CA LEU B 230 -27.86 16.35 -9.56
C LEU B 230 -29.12 16.77 -10.37
N ASN B 231 -29.38 16.10 -11.48
CA ASN B 231 -30.54 16.42 -12.31
C ASN B 231 -31.65 15.38 -12.18
N VAL B 232 -31.54 14.52 -11.16
CA VAL B 232 -32.59 13.58 -10.84
C VAL B 232 -33.63 14.31 -10.02
N ALA B 233 -34.90 14.12 -10.37
CA ALA B 233 -36.00 14.89 -9.80
C ALA B 233 -36.25 14.54 -8.34
N ASP B 234 -36.53 13.27 -8.08
CA ASP B 234 -36.90 12.84 -6.74
C ASP B 234 -35.85 11.93 -6.10
N LEU B 235 -35.06 12.48 -5.19
CA LEU B 235 -34.06 11.72 -4.43
C LEU B 235 -34.61 11.10 -3.14
N SER B 236 -35.93 11.12 -2.95
CA SER B 236 -36.46 10.62 -1.69
C SER B 236 -36.43 9.08 -1.64
N GLY B 237 -36.30 8.55 -0.43
CA GLY B 237 -36.26 7.12 -0.21
C GLY B 237 -34.92 6.47 -0.55
N LEU B 238 -33.89 7.28 -0.79
CA LEU B 238 -32.56 6.77 -1.05
C LEU B 238 -31.83 6.40 0.26
N ALA B 239 -30.81 5.54 0.14
CA ALA B 239 -29.97 5.18 1.27
C ALA B 239 -29.42 6.44 1.95
N PRO B 240 -29.45 6.46 3.30
CA PRO B 240 -28.81 7.51 4.11
C PRO B 240 -27.38 7.72 3.61
N ALA B 241 -26.95 8.98 3.58
CA ALA B 241 -25.75 9.33 2.87
C ALA B 241 -24.72 10.02 3.74
N THR B 242 -23.45 9.83 3.39
CA THR B 242 -22.40 10.71 3.87
C THR B 242 -21.84 11.35 2.62
N VAL B 243 -21.72 12.67 2.65
CA VAL B 243 -21.12 13.38 1.53
C VAL B 243 -20.03 14.28 2.07
N ILE B 244 -18.79 13.90 1.80
CA ILE B 244 -17.62 14.65 2.25
C ILE B 244 -16.97 15.36 1.06
N THR B 245 -16.96 16.69 1.10
CA THR B 245 -16.36 17.48 0.04
C THR B 245 -15.04 18.05 0.56
N ALA B 246 -14.35 18.79 -0.31
CA ALA B 246 -13.05 19.36 0.03
C ALA B 246 -13.05 20.85 -0.35
N GLU B 247 -12.45 21.68 0.52
CA GLU B 247 -12.47 23.12 0.34
C GLU B 247 -11.86 23.54 -0.99
N TYR B 248 -10.68 23.01 -1.29
CA TYR B 248 -9.96 23.38 -2.52
C TYR B 248 -10.18 22.44 -3.72
N ASP B 249 -11.34 21.80 -3.74
CA ASP B 249 -11.74 20.90 -4.80
C ASP B 249 -12.66 21.64 -5.72
N PRO B 250 -12.39 21.61 -7.02
CA PRO B 250 -13.31 22.14 -8.04
C PRO B 250 -14.70 21.53 -7.96
N LEU B 251 -14.77 20.27 -7.52
CA LEU B 251 -16.06 19.59 -7.40
C LEU B 251 -16.81 19.94 -6.13
N ARG B 252 -16.22 20.74 -5.25
CA ARG B 252 -16.83 21.09 -3.96
C ARG B 252 -18.27 21.53 -4.08
N ASP B 253 -18.55 22.45 -4.99
CA ASP B 253 -19.87 23.05 -5.00
C ASP B 253 -20.97 22.08 -5.46
N GLU B 254 -20.70 21.24 -6.45
CA GLU B 254 -21.73 20.29 -6.89
C GLU B 254 -21.93 19.17 -5.89
N GLY B 255 -20.90 18.85 -5.12
CA GLY B 255 -21.02 17.90 -4.04
C GLY B 255 -21.97 18.40 -2.96
N ILE B 256 -21.74 19.64 -2.51
CA ILE B 256 -22.62 20.29 -1.54
C ILE B 256 -24.07 20.32 -2.03
N ALA B 257 -24.24 20.75 -3.28
CA ALA B 257 -25.57 20.85 -3.86
C ALA B 257 -26.28 19.51 -3.79
N TYR B 258 -25.57 18.44 -4.14
CA TYR B 258 -26.19 17.11 -4.10
C TYR B 258 -26.61 16.77 -2.67
N ALA B 259 -25.76 17.11 -1.70
CA ALA B 259 -26.08 16.88 -0.28
C ALA B 259 -27.36 17.62 0.15
N LYS B 260 -27.42 18.88 -0.25
CA LYS B 260 -28.57 19.71 0.11
C LYS B 260 -29.84 19.08 -0.47
N LYS B 261 -29.76 18.57 -1.70
CA LYS B 261 -30.92 17.98 -2.34
C LYS B 261 -31.32 16.64 -1.70
N LEU B 262 -30.31 15.91 -1.22
CA LEU B 262 -30.58 14.65 -0.53
C LEU B 262 -31.36 14.96 0.76
N ASP B 263 -30.82 15.92 1.51
CA ASP B 263 -31.40 16.35 2.76
C ASP B 263 -32.82 16.87 2.54
N ALA B 264 -32.98 17.71 1.53
CA ALA B 264 -34.28 18.30 1.20
C ALA B 264 -35.29 17.20 0.91
N ALA B 265 -34.83 16.07 0.38
CA ALA B 265 -35.73 15.00 -0.01
C ALA B 265 -36.02 14.06 1.17
N GLY B 266 -35.49 14.36 2.34
CA GLY B 266 -35.75 13.53 3.51
C GLY B 266 -34.78 12.37 3.70
N VAL B 267 -33.67 12.41 2.96
CA VAL B 267 -32.59 11.44 3.14
C VAL B 267 -31.70 11.95 4.27
N PRO B 268 -31.46 11.12 5.28
CA PRO B 268 -30.56 11.52 6.37
C PRO B 268 -29.17 11.66 5.79
N VAL B 269 -28.56 12.83 5.92
CA VAL B 269 -27.27 13.07 5.31
C VAL B 269 -26.30 13.67 6.30
N ASP B 270 -25.11 13.08 6.40
CA ASP B 270 -24.00 13.76 7.08
C ASP B 270 -23.17 14.43 6.00
N ALA B 271 -23.12 15.76 5.99
CA ALA B 271 -22.43 16.44 4.91
C ALA B 271 -21.51 17.51 5.44
N ALA B 272 -20.27 17.50 5.00
CA ALA B 272 -19.35 18.53 5.45
C ALA B 272 -18.23 18.74 4.44
N THR B 273 -17.65 19.93 4.49
CA THR B 273 -16.47 20.26 3.69
C THR B 273 -15.20 20.20 4.54
N ALA B 274 -14.31 19.27 4.22
CA ALA B 274 -13.01 19.19 4.89
C ALA B 274 -12.23 20.46 4.60
N PRO B 275 -11.97 21.28 5.63
CA PRO B 275 -11.22 22.51 5.39
C PRO B 275 -9.77 22.26 4.98
N GLY B 276 -9.29 23.00 3.99
CA GLY B 276 -7.89 22.99 3.58
C GLY B 276 -7.49 21.83 2.69
N MET B 277 -8.44 20.96 2.37
CA MET B 277 -8.13 19.72 1.67
C MET B 277 -8.31 19.81 0.16
N ILE B 278 -7.60 18.97 -0.58
CA ILE B 278 -7.82 18.94 -2.02
C ILE B 278 -8.60 17.68 -2.45
N HIS B 279 -9.09 17.73 -3.69
CA HIS B 279 -9.63 16.55 -4.34
C HIS B 279 -8.66 15.39 -4.18
N GLY B 280 -9.20 14.24 -3.80
CA GLY B 280 -8.39 13.04 -3.67
C GLY B 280 -7.71 12.81 -2.33
N PHE B 281 -8.03 13.62 -1.30
CA PHE B 281 -7.26 13.54 -0.05
C PHE B 281 -7.50 12.28 0.81
N PHE B 282 -8.62 11.59 0.60
CA PHE B 282 -8.84 10.28 1.25
C PHE B 282 -7.75 9.25 0.90
N SER B 283 -7.19 9.38 -0.29
CA SER B 283 -6.14 8.49 -0.74
C SER B 283 -4.73 8.97 -0.35
N MET B 284 -4.65 10.11 0.31
CA MET B 284 -3.36 10.74 0.58
C MET B 284 -2.93 10.60 2.04
N PHE B 285 -3.65 9.79 2.81
CA PHE B 285 -3.46 9.72 4.28
C PHE B 285 -2.05 9.40 4.74
N GLU B 286 -1.23 8.78 3.89
CA GLU B 286 0.15 8.48 4.28
C GLU B 286 0.95 9.77 4.34
N ALA B 287 0.69 10.66 3.39
CA ALA B 287 1.34 11.97 3.35
C ALA B 287 0.62 13.02 4.21
N VAL B 288 -0.71 12.93 4.26
CA VAL B 288 -1.55 13.91 4.96
C VAL B 288 -2.36 13.26 6.06
N PRO B 289 -1.73 13.01 7.22
CA PRO B 289 -2.38 12.25 8.30
C PRO B 289 -3.73 12.85 8.74
N ASP B 290 -3.93 14.15 8.52
CA ASP B 290 -5.21 14.76 8.83
C ASP B 290 -6.37 14.18 7.98
N SER B 291 -6.06 13.48 6.90
CA SER B 291 -7.09 12.82 6.08
C SER B 291 -7.87 11.80 6.93
N TRP B 292 -7.15 11.15 7.85
CA TRP B 292 -7.71 10.14 8.74
C TRP B 292 -8.93 10.60 9.50
N GLU B 293 -8.95 11.86 9.94
CA GLU B 293 -10.14 12.42 10.56
C GLU B 293 -11.39 12.20 9.70
N TRP B 294 -11.23 12.38 8.39
CA TRP B 294 -12.37 12.34 7.50
C TRP B 294 -12.65 10.91 7.05
N ILE B 295 -11.60 10.13 6.80
CA ILE B 295 -11.74 8.69 6.65
C ILE B 295 -12.52 8.12 7.84
N GLU B 296 -12.08 8.44 9.06
CA GLU B 296 -12.75 7.95 10.26
C GLU B 296 -14.23 8.35 10.32
N ARG B 297 -14.54 9.61 10.04
CA ARG B 297 -15.94 10.04 10.04
C ARG B 297 -16.76 9.27 9.03
N GLY B 298 -16.28 9.17 7.79
CA GLY B 298 -16.99 8.42 6.77
C GLY B 298 -17.18 6.96 7.14
N ALA B 299 -16.11 6.33 7.63
CA ALA B 299 -16.19 4.93 8.02
C ALA B 299 -17.07 4.76 9.25
N SER B 300 -17.07 5.75 10.14
CA SER B 300 -17.93 5.70 11.34
C SER B 300 -19.40 5.76 11.02
N ASN B 301 -19.79 6.57 10.03
CA ASN B 301 -21.17 6.61 9.57
C ASN B 301 -21.58 5.30 8.93
N LEU B 302 -20.66 4.69 8.16
CA LEU B 302 -20.89 3.33 7.63
C LEU B 302 -21.20 2.34 8.75
N LYS B 303 -20.36 2.41 9.78
CA LYS B 303 -20.44 1.46 10.88
C LYS B 303 -21.77 1.61 11.61
N ARG B 304 -22.20 2.86 11.81
CA ARG B 304 -23.47 3.14 12.44
C ARG B 304 -24.63 2.57 11.64
N ASP B 305 -24.69 2.88 10.34
CA ASP B 305 -25.86 2.47 9.54
C ASP B 305 -25.84 0.99 9.17
N LEU B 306 -24.66 0.38 9.25
CA LEU B 306 -24.54 -1.05 8.99
C LEU B 306 -24.45 -1.80 10.31
N ALA B 307 -25.19 -1.30 11.29
CA ALA B 307 -25.12 -1.82 12.65
C ALA B 307 -25.57 -3.27 12.73
N LEU B 308 -24.82 -4.06 13.49
CA LEU B 308 -25.21 -5.43 13.80
C LEU B 308 -26.45 -5.40 14.70
N GLU B 309 -27.27 -6.44 14.62
CA GLU B 309 -28.48 -6.52 15.45
C GLU B 309 -28.16 -7.05 16.87
N HIS B 310 -29.10 -6.84 17.79
CA HIS B 310 -28.90 -7.27 19.17
C HIS B 310 -28.60 -8.76 19.32
N HIS B 311 -27.67 -9.06 20.22
CA HIS B 311 -27.40 -10.43 20.64
C HIS B 311 -26.98 -10.45 22.11
N HIS B 312 -27.79 -11.08 22.95
CA HIS B 312 -27.42 -11.33 24.34
C HIS B 312 -26.06 -12.04 24.44
N HIS B 313 -25.30 -11.77 25.50
CA HIS B 313 -24.00 -12.40 25.63
C HIS B 313 -23.86 -13.32 26.84
N HIS B 314 -24.89 -13.37 27.68
CA HIS B 314 -24.91 -14.30 28.82
C HIS B 314 -25.12 -15.76 28.36
#